data_6SB1
#
_entry.id   6SB1
#
_cell.length_a   70.530
_cell.length_b   31.270
_cell.length_c   103.650
_cell.angle_alpha   90.000
_cell.angle_beta   91.420
_cell.angle_gamma   90.000
#
_symmetry.space_group_name_H-M   'P 1 21 1'
#
loop_
_entity.id
_entity.type
_entity.pdbx_description
1 polymer 'Macrophage-expressed gene 1 protein'
2 non-polymer GLYCEROL
3 non-polymer 'CHLORIDE ION'
4 water water
#
_entity_poly.entity_id   1
_entity_poly.type   'polypeptide(L)'
_entity_poly.pdbx_seq_one_letter_code
;ETGGCTNVDSPNFNFQANMDDDSCDAKVTNFTFGGVYQECTELSGDVLCQNLEQKNLLTGDFSCPPGYSPVHLLSQTHEE
GYSRLECKKKCTLKIFCKTVCEDVFRVAKAEFRAYWCVAAGQVPDNSGLLFGGVFTDKTINPMTNAQSCPAGYIPLNLFE
SLKVCVSLDYELGFKFSVPFGGFFSCIMGNPLVNSDTAKDVRAPSLKKCPGGFSQHLAVISDGCQVSYCVKAGIFTGGSL
LPVRLPPYTKPPLMSQVATNTVIVTNSETARSWIKDPQTNQWKLGEGTKHHHHHH
;
_entity_poly.pdbx_strand_id   A,B
#
loop_
_chem_comp.id
_chem_comp.type
_chem_comp.name
_chem_comp.formula
CL non-polymer 'CHLORIDE ION' 'Cl -1'
GOL non-polymer GLYCEROL 'C3 H8 O3'
#
# COMPACT_ATOMS: atom_id res chain seq x y z
N PHE A 31 -18.67 1.88 19.07
CA PHE A 31 -17.65 2.71 19.70
C PHE A 31 -17.55 4.08 19.06
N THR A 32 -17.50 5.14 19.88
CA THR A 32 -17.45 6.50 19.37
C THR A 32 -16.03 7.05 19.44
N PHE A 33 -15.64 7.73 18.36
CA PHE A 33 -14.30 8.25 18.15
C PHE A 33 -14.36 9.76 18.37
N GLY A 34 -13.68 10.25 19.39
CA GLY A 34 -13.67 11.65 19.78
C GLY A 34 -12.57 12.49 19.15
N GLY A 35 -11.88 11.98 18.13
CA GLY A 35 -10.83 12.72 17.45
C GLY A 35 -9.44 12.41 17.99
N VAL A 36 -8.45 13.07 17.38
CA VAL A 36 -7.08 13.06 17.86
C VAL A 36 -6.62 14.50 17.92
N TYR A 37 -5.54 14.75 18.67
CA TYR A 37 -4.85 16.03 18.56
C TYR A 37 -3.38 15.86 18.92
N GLN A 38 -2.60 16.90 18.61
CA GLN A 38 -1.15 16.85 18.82
C GLN A 38 -0.63 18.23 19.22
N GLU A 39 0.00 18.32 20.38
CA GLU A 39 0.61 19.57 20.81
C GLU A 39 2.07 19.58 20.38
N CYS A 40 2.66 20.75 20.40
CA CYS A 40 4.03 20.90 19.93
C CYS A 40 4.71 22.00 20.72
N THR A 41 6.00 21.83 21.03
CA THR A 41 6.80 22.87 21.67
C THR A 41 8.11 23.00 20.91
N GLU A 42 8.48 24.22 20.53
CA GLU A 42 9.74 24.44 19.83
C GLU A 42 10.90 24.36 20.80
N LEU A 43 11.94 23.64 20.42
CA LEU A 43 13.14 23.48 21.23
C LEU A 43 14.36 24.20 20.67
N SER A 44 14.59 24.17 19.36
CA SER A 44 15.58 25.03 18.74
C SER A 44 15.08 25.42 17.36
N GLY A 45 15.20 26.71 17.02
CA GLY A 45 14.51 27.24 15.86
C GLY A 45 13.04 27.45 16.19
N ASP A 46 12.26 27.77 15.15
CA ASP A 46 10.81 27.95 15.31
C ASP A 46 10.10 27.56 14.01
N VAL A 47 10.56 26.48 13.39
CA VAL A 47 10.17 26.12 12.04
C VAL A 47 9.24 24.91 11.99
N LEU A 48 9.08 24.17 13.09
CA LEU A 48 8.46 22.85 13.01
C LEU A 48 7.00 22.80 13.47
N CYS A 49 6.61 23.52 14.52
CA CYS A 49 5.29 23.25 15.09
C CYS A 49 4.16 23.52 14.11
N GLN A 50 4.42 24.34 13.09
CA GLN A 50 3.46 24.58 12.02
C GLN A 50 2.99 23.28 11.40
N ASN A 51 3.90 22.31 11.24
CA ASN A 51 3.50 21.07 10.63
C ASN A 51 3.22 19.97 11.64
N LEU A 52 3.60 20.15 12.90
CA LEU A 52 3.41 19.11 13.90
C LEU A 52 2.15 19.31 14.75
N GLU A 53 1.68 20.54 14.94
CA GLU A 53 0.56 20.69 15.84
C GLU A 53 -0.73 20.39 15.10
N GLN A 54 -1.70 19.82 15.82
CA GLN A 54 -2.95 19.45 15.16
C GLN A 54 -4.09 19.66 16.14
N LYS A 55 -4.98 20.61 15.86
CA LYS A 55 -6.12 20.80 16.75
C LYS A 55 -7.17 19.71 16.54
N ASN A 56 -8.00 19.51 17.57
CA ASN A 56 -9.11 18.58 17.44
C ASN A 56 -10.25 19.29 16.70
N LEU A 57 -10.66 18.73 15.57
CA LEU A 57 -11.84 19.19 14.85
C LEU A 57 -13.02 19.50 15.78
N LEU A 58 -13.30 18.61 16.73
CA LEU A 58 -14.52 18.71 17.53
C LEU A 58 -14.49 19.82 18.59
N THR A 59 -13.33 20.36 18.95
CA THR A 59 -13.26 21.32 20.05
C THR A 59 -12.68 22.67 19.66
N GLY A 60 -12.01 22.75 18.51
CA GLY A 60 -11.22 23.90 18.10
C GLY A 60 -9.92 24.05 18.84
N ASP A 61 -9.50 23.04 19.60
CA ASP A 61 -8.39 23.26 20.50
C ASP A 61 -7.62 21.95 20.66
N PHE A 62 -6.58 21.99 21.49
CA PHE A 62 -5.85 20.78 21.83
C PHE A 62 -6.57 20.15 23.01
N SER A 63 -7.68 19.47 22.72
CA SER A 63 -8.53 18.95 23.80
C SER A 63 -9.52 17.95 23.23
N CYS A 64 -10.28 17.32 24.14
CA CYS A 64 -11.33 16.37 23.81
C CYS A 64 -12.70 16.96 24.08
N PRO A 65 -13.72 16.51 23.38
CA PRO A 65 -15.08 17.01 23.64
C PRO A 65 -15.50 16.67 25.06
N PRO A 66 -16.52 17.34 25.59
CA PRO A 66 -16.94 17.06 26.96
C PRO A 66 -17.30 15.60 27.14
N GLY A 67 -16.88 15.01 28.26
CA GLY A 67 -17.20 13.63 28.50
C GLY A 67 -16.29 12.64 27.83
N TYR A 68 -15.23 13.12 27.17
CA TYR A 68 -14.20 12.27 26.61
C TYR A 68 -12.90 12.51 27.36
N SER A 69 -12.04 11.50 27.31
CA SER A 69 -10.80 11.51 28.04
C SER A 69 -9.64 11.50 27.07
N PRO A 70 -8.65 12.37 27.26
CA PRO A 70 -7.44 12.34 26.43
C PRO A 70 -6.65 11.07 26.78
N VAL A 71 -6.23 10.34 25.77
CA VAL A 71 -5.36 9.17 25.95
C VAL A 71 -4.02 9.50 25.33
N HIS A 72 -2.99 9.70 26.16
CA HIS A 72 -1.66 10.09 25.70
C HIS A 72 -0.98 8.93 24.98
N LEU A 73 -0.84 9.02 23.65
CA LEU A 73 -0.20 7.95 22.91
C LEU A 73 1.31 8.07 22.96
N LEU A 74 1.84 9.30 22.87
CA LEU A 74 3.30 9.35 22.73
C LEU A 74 3.81 10.80 22.84
N SER A 75 5.03 10.97 23.36
CA SER A 75 5.69 12.28 23.33
C SER A 75 7.14 12.05 22.89
N GLN A 76 7.58 12.73 21.83
CA GLN A 76 8.95 12.57 21.31
C GLN A 76 9.41 13.87 20.66
N THR A 77 10.71 13.95 20.34
CA THR A 77 11.25 15.14 19.70
C THR A 77 11.59 14.83 18.26
N HIS A 78 11.23 15.74 17.38
CA HIS A 78 11.53 15.69 15.96
C HIS A 78 12.65 16.68 15.67
N GLU A 79 13.69 16.21 14.98
CA GLU A 79 14.82 17.02 14.56
C GLU A 79 14.90 17.02 13.04
N GLU A 80 15.32 18.15 12.49
CA GLU A 80 15.31 18.34 11.05
C GLU A 80 16.38 19.34 10.64
N GLY A 81 17.13 19.04 9.59
CA GLY A 81 18.06 20.02 9.02
C GLY A 81 17.34 20.96 8.06
N TYR A 82 17.68 22.25 8.14
CA TYR A 82 17.07 23.25 7.24
C TYR A 82 18.06 24.38 6.98
N SER A 83 17.83 25.14 5.91
CA SER A 83 18.70 26.27 5.57
C SER A 83 18.05 27.58 6.00
N ARG A 84 18.75 28.33 6.82
CA ARG A 84 18.27 29.58 7.38
C ARG A 84 19.07 30.73 6.81
N LEU A 85 18.42 31.81 6.44
CA LEU A 85 19.17 32.94 5.90
C LEU A 85 19.73 33.79 7.03
N GLU A 86 21.03 34.12 6.96
CA GLU A 86 21.72 34.87 8.00
C GLU A 86 22.67 35.88 7.36
N CYS A 87 22.92 36.97 8.07
CA CYS A 87 23.79 38.04 7.57
C CYS A 87 24.92 38.27 8.55
N LYS A 88 26.12 38.51 8.03
CA LYS A 88 27.31 38.63 8.85
C LYS A 88 28.21 39.70 8.26
N LYS A 89 28.90 40.43 9.13
CA LYS A 89 29.76 41.52 8.73
C LYS A 89 31.21 41.06 8.72
N LYS A 90 31.89 41.30 7.61
CA LYS A 90 33.33 41.15 7.53
C LYS A 90 33.93 42.53 7.40
N CYS A 91 34.93 42.82 8.22
CA CYS A 91 35.49 44.16 8.27
C CYS A 91 36.98 44.12 7.96
N THR A 92 37.42 45.18 7.32
CA THR A 92 38.83 45.50 7.13
C THR A 92 39.17 46.62 8.10
N LEU A 93 40.09 46.31 9.04
CA LEU A 93 40.54 47.21 10.10
C LEU A 93 39.39 47.84 10.88
N LYS A 94 38.32 47.06 11.08
CA LYS A 94 37.21 47.40 11.97
C LYS A 94 36.47 48.67 11.54
N ILE A 95 36.89 49.27 10.44
CA ILE A 95 36.31 50.54 10.02
C ILE A 95 35.77 50.51 8.60
N PHE A 96 36.15 49.54 7.75
CA PHE A 96 35.47 49.35 6.48
C PHE A 96 34.77 48.00 6.53
N CYS A 97 33.45 48.01 6.66
CA CYS A 97 32.72 46.78 6.90
C CYS A 97 31.71 46.53 5.79
N LYS A 98 31.54 45.25 5.45
CA LYS A 98 30.56 44.81 4.47
C LYS A 98 29.73 43.68 5.05
N THR A 99 28.43 43.68 4.74
CA THR A 99 27.53 42.61 5.16
C THR A 99 27.28 41.66 4.00
N VAL A 100 27.29 40.36 4.29
CA VAL A 100 26.89 39.34 3.33
C VAL A 100 25.84 38.46 3.98
N CYS A 101 24.87 38.03 3.20
CA CYS A 101 23.77 37.21 3.66
C CYS A 101 23.80 35.90 2.86
N GLU A 102 23.74 34.78 3.59
CA GLU A 102 23.89 33.45 3.03
C GLU A 102 22.88 32.49 3.64
N ASP A 103 22.63 31.39 2.93
CA ASP A 103 21.94 30.24 3.50
C ASP A 103 22.92 29.44 4.36
N VAL A 104 22.53 29.18 5.60
CA VAL A 104 23.38 28.47 6.54
C VAL A 104 22.60 27.26 7.04
N PHE A 105 23.26 26.12 7.11
CA PHE A 105 22.61 24.90 7.56
C PHE A 105 22.45 24.91 9.07
N ARG A 106 21.23 24.65 9.54
CA ARG A 106 20.92 24.65 10.97
C ARG A 106 20.02 23.45 11.29
N VAL A 107 19.94 23.12 12.59
CA VAL A 107 19.08 22.03 13.04
C VAL A 107 17.90 22.62 13.81
N ALA A 108 16.70 22.26 13.38
CA ALA A 108 15.46 22.60 14.07
C ALA A 108 15.00 21.40 14.90
N LYS A 109 14.55 21.67 16.12
CA LYS A 109 14.04 20.59 16.97
C LYS A 109 12.77 21.05 17.67
N ALA A 110 11.83 20.11 17.85
CA ALA A 110 10.56 20.39 18.54
C ALA A 110 9.99 19.09 19.12
N GLU A 111 9.32 19.19 20.28
CA GLU A 111 8.63 18.05 20.86
C GLU A 111 7.17 18.02 20.41
N PHE A 112 6.69 16.85 20.03
CA PHE A 112 5.28 16.64 19.78
C PHE A 112 4.75 15.69 20.85
N ARG A 113 3.50 15.94 21.22
CA ARG A 113 2.79 15.16 22.23
C ARG A 113 1.44 14.76 21.62
N ALA A 114 1.25 13.47 21.40
CA ALA A 114 0.13 12.93 20.64
C ALA A 114 -0.94 12.31 21.53
N TYR A 115 -2.22 12.66 21.24
CA TYR A 115 -3.39 12.21 22.01
C TYR A 115 -4.50 11.73 21.10
N TRP A 116 -5.28 10.76 21.60
CA TRP A 116 -6.61 10.53 21.05
C TRP A 116 -7.64 10.62 22.17
N CYS A 117 -8.90 10.74 21.77
CA CYS A 117 -10.00 11.08 22.66
C CYS A 117 -10.98 9.93 22.73
N VAL A 118 -11.25 9.45 23.94
CA VAL A 118 -12.11 8.29 24.09
C VAL A 118 -13.25 8.60 25.07
N ALA A 119 -14.43 8.04 24.81
CA ALA A 119 -15.59 8.31 25.65
C ALA A 119 -15.41 7.61 26.98
N ALA A 120 -15.37 8.40 28.06
CA ALA A 120 -15.25 7.82 29.39
C ALA A 120 -16.54 7.11 29.78
N GLY A 121 -17.67 7.70 29.42
CA GLY A 121 -18.99 7.15 29.66
C GLY A 121 -19.82 7.27 28.40
N GLN A 122 -21.06 6.79 28.47
CA GLN A 122 -21.92 6.94 27.30
C GLN A 122 -22.26 8.40 27.07
N VAL A 123 -22.35 9.18 28.16
CA VAL A 123 -22.50 10.65 28.22
C VAL A 123 -23.38 11.16 27.07
N PRO A 124 -23.29 12.40 26.55
CA PRO A 124 -24.18 12.71 25.42
C PRO A 124 -23.71 12.22 24.06
N ASP A 125 -24.67 11.66 23.31
CA ASP A 125 -24.46 11.12 21.98
C ASP A 125 -25.48 11.76 21.04
N ASN A 126 -25.42 11.52 19.72
CA ASN A 126 -24.50 10.62 18.98
C ASN A 126 -23.24 11.25 18.36
N SER A 127 -22.94 12.51 18.70
CA SER A 127 -21.82 13.23 18.12
C SER A 127 -20.47 12.53 18.35
N GLY A 128 -19.68 12.48 17.28
CA GLY A 128 -18.41 11.77 17.21
C GLY A 128 -17.95 11.78 15.77
N LEU A 129 -16.75 11.25 15.53
CA LEU A 129 -16.15 11.35 14.19
C LEU A 129 -16.16 10.02 13.43
N LEU A 130 -16.37 10.10 12.11
CA LEU A 130 -16.21 8.92 11.29
C LEU A 130 -14.73 8.69 11.03
N PHE A 131 -14.35 7.41 10.94
CA PHE A 131 -12.96 7.01 10.78
C PHE A 131 -12.74 6.42 9.40
N GLY A 132 -11.75 6.96 8.68
CA GLY A 132 -11.52 6.57 7.30
C GLY A 132 -10.14 6.02 7.02
N GLY A 133 -9.46 5.53 8.05
CA GLY A 133 -8.15 4.92 7.86
C GLY A 133 -7.01 5.86 8.19
N VAL A 134 -5.80 5.32 8.04
CA VAL A 134 -4.57 6.05 8.32
C VAL A 134 -3.57 5.69 7.25
N PHE A 135 -2.57 6.57 7.08
CA PHE A 135 -1.46 6.30 6.17
C PHE A 135 -0.31 7.22 6.54
N THR A 136 0.88 6.89 6.01
CA THR A 136 2.06 7.74 6.18
C THR A 136 2.61 8.12 4.81
N ASP A 137 3.70 8.89 4.82
CA ASP A 137 4.41 9.21 3.59
C ASP A 137 4.95 7.96 2.91
N LYS A 138 5.26 6.92 3.70
CA LYS A 138 5.82 5.69 3.15
C LYS A 138 4.88 4.49 3.23
N THR A 139 3.69 4.64 3.81
CA THR A 139 2.74 3.52 3.86
C THR A 139 1.46 3.88 3.09
N ILE A 140 0.53 2.93 3.06
CA ILE A 140 -0.67 3.08 2.25
C ILE A 140 -1.89 2.82 3.14
N ASN A 141 -3.01 3.43 2.76
CA ASN A 141 -4.24 3.35 3.57
C ASN A 141 -5.10 2.21 3.08
N PRO A 142 -5.36 1.18 3.89
CA PRO A 142 -6.13 0.03 3.40
C PRO A 142 -7.57 0.38 3.03
N MET A 143 -8.12 1.46 3.59
CA MET A 143 -9.50 1.82 3.30
C MET A 143 -9.65 2.40 1.90
N THR A 144 -8.66 3.17 1.45
CA THR A 144 -8.69 3.77 0.14
C THR A 144 -7.64 3.18 -0.80
N ASN A 145 -6.69 2.41 -0.27
CA ASN A 145 -5.61 1.79 -1.04
C ASN A 145 -4.73 2.83 -1.72
N ALA A 146 -4.71 4.04 -1.18
CA ALA A 146 -3.92 5.15 -1.69
C ALA A 146 -3.46 5.99 -0.51
N GLN A 147 -2.38 6.75 -0.73
CA GLN A 147 -1.89 7.66 0.29
C GLN A 147 -2.84 8.85 0.40
N SER A 148 -4.10 8.56 0.67
CA SER A 148 -5.15 9.57 0.66
C SER A 148 -6.25 9.13 1.62
N CYS A 149 -7.19 10.04 1.83
CA CYS A 149 -8.38 9.68 2.58
C CYS A 149 -9.55 9.50 1.62
N PRO A 150 -10.60 8.82 2.04
CA PRO A 150 -11.79 8.71 1.19
C PRO A 150 -12.33 10.10 0.86
N ALA A 151 -13.17 10.15 -0.17
CA ALA A 151 -13.75 11.40 -0.62
C ALA A 151 -14.51 12.09 0.51
N GLY A 152 -14.21 13.36 0.71
CA GLY A 152 -14.89 14.15 1.71
C GLY A 152 -14.32 14.04 3.10
N TYR A 153 -13.13 13.44 3.23
CA TYR A 153 -12.48 13.24 4.51
C TYR A 153 -11.29 14.18 4.65
N ILE A 154 -10.97 14.49 5.90
CA ILE A 154 -9.91 15.42 6.28
C ILE A 154 -8.75 14.61 6.84
N PRO A 155 -7.51 14.82 6.38
CA PRO A 155 -6.36 14.19 7.02
C PRO A 155 -5.83 15.02 8.17
N LEU A 156 -5.78 14.42 9.36
CA LEU A 156 -5.22 15.07 10.53
C LEU A 156 -3.81 14.55 10.79
N ASN A 157 -2.90 15.44 11.18
CA ASN A 157 -1.51 15.06 11.44
C ASN A 157 -1.37 14.44 12.82
N LEU A 158 -0.63 13.33 12.89
CA LEU A 158 -0.26 12.71 14.16
C LEU A 158 1.16 12.18 14.04
N PHE A 159 1.93 12.26 15.13
CA PHE A 159 3.37 11.90 15.14
C PHE A 159 4.08 12.72 14.05
N GLU A 160 5.19 12.20 13.53
CA GLU A 160 5.96 12.97 12.56
C GLU A 160 5.35 12.88 11.18
N SER A 161 4.69 11.80 10.83
CA SER A 161 4.21 11.68 9.46
C SER A 161 2.90 10.92 9.30
N LEU A 162 2.24 10.55 10.38
CA LEU A 162 0.99 9.81 10.23
C LEU A 162 -0.14 10.77 9.88
N LYS A 163 -1.06 10.32 9.03
CA LYS A 163 -2.28 11.05 8.71
C LYS A 163 -3.48 10.19 9.10
N VAL A 164 -4.42 10.78 9.83
CA VAL A 164 -5.61 10.08 10.31
C VAL A 164 -6.81 10.65 9.59
N CYS A 165 -7.52 9.80 8.86
CA CYS A 165 -8.61 10.22 7.98
C CYS A 165 -9.90 10.30 8.76
N VAL A 166 -10.56 11.45 8.67
CA VAL A 166 -11.67 11.78 9.56
C VAL A 166 -12.79 12.47 8.78
N SER A 167 -14.05 12.28 9.22
CA SER A 167 -15.13 13.05 8.60
C SER A 167 -16.25 13.30 9.62
N LEU A 168 -17.01 14.36 9.35
CA LEU A 168 -18.08 14.83 10.21
C LEU A 168 -19.48 14.60 9.67
N ASP A 169 -19.63 14.30 8.39
CA ASP A 169 -20.96 14.16 7.78
C ASP A 169 -21.30 12.69 7.63
N TYR A 170 -22.29 12.23 8.41
CA TYR A 170 -22.63 10.81 8.42
C TYR A 170 -23.26 10.37 7.11
N GLU A 171 -24.09 11.22 6.48
CA GLU A 171 -24.84 10.74 5.32
C GLU A 171 -23.93 10.54 4.11
N LEU A 172 -22.85 11.30 4.02
CA LEU A 172 -21.86 11.08 2.97
C LEU A 172 -20.67 10.28 3.45
N GLY A 173 -20.41 10.29 4.76
CA GLY A 173 -19.26 9.58 5.30
C GLY A 173 -19.46 8.10 5.52
N PHE A 174 -20.64 7.68 6.00
CA PHE A 174 -20.78 6.29 6.41
C PHE A 174 -20.45 5.34 5.27
N LYS A 175 -20.77 5.75 4.02
CA LYS A 175 -20.36 5.01 2.85
C LYS A 175 -18.89 4.65 2.90
N PHE A 176 -18.06 5.56 3.39
CA PHE A 176 -16.61 5.40 3.38
C PHE A 176 -16.02 5.19 4.77
N SER A 177 -16.84 4.83 5.75
CA SER A 177 -16.41 4.70 7.14
C SER A 177 -16.30 3.24 7.55
N VAL A 178 -15.33 2.94 8.40
CA VAL A 178 -15.21 1.61 8.97
C VAL A 178 -15.33 1.75 10.49
N PRO A 179 -15.92 0.79 11.19
CA PRO A 179 -15.99 0.89 12.66
C PRO A 179 -14.59 0.99 13.25
N PHE A 180 -14.49 1.86 14.25
CA PHE A 180 -13.21 2.19 14.87
C PHE A 180 -13.16 1.61 16.28
N GLY A 181 -12.05 0.95 16.59
CA GLY A 181 -11.89 0.24 17.85
C GLY A 181 -10.80 0.77 18.76
N GLY A 182 -10.15 1.86 18.40
CA GLY A 182 -9.22 2.54 19.27
C GLY A 182 -7.78 2.48 18.75
N PHE A 183 -6.92 3.24 19.44
CA PHE A 183 -5.47 3.23 19.28
C PHE A 183 -4.79 2.58 20.49
N PHE A 184 -3.54 2.14 20.30
CA PHE A 184 -2.70 1.86 21.46
C PHE A 184 -1.23 1.93 21.03
N SER A 185 -0.32 2.14 22.00
CA SER A 185 1.08 2.32 21.69
C SER A 185 1.98 1.56 22.66
N CYS A 186 3.30 1.65 22.45
CA CYS A 186 4.22 0.92 23.32
C CYS A 186 4.16 1.41 24.77
N ILE A 187 3.57 2.59 25.04
CA ILE A 187 3.48 3.11 26.40
C ILE A 187 2.05 3.23 26.91
N MET A 188 1.03 2.84 26.14
CA MET A 188 -0.35 3.16 26.54
C MET A 188 -1.33 2.17 25.93
N GLY A 189 -2.15 1.56 26.77
CA GLY A 189 -3.08 0.54 26.31
C GLY A 189 -4.34 1.20 25.76
N ASN A 190 -5.25 0.35 25.26
CA ASN A 190 -6.47 0.81 24.60
C ASN A 190 -7.63 0.71 25.59
N PRO A 191 -8.16 1.82 26.09
CA PRO A 191 -9.24 1.75 27.10
C PRO A 191 -10.56 1.19 26.57
N LEU A 192 -10.69 0.98 25.26
CA LEU A 192 -11.91 0.38 24.72
C LEU A 192 -11.98 -1.13 24.91
N VAL A 193 -10.89 -1.78 25.30
CA VAL A 193 -10.93 -3.22 25.46
C VAL A 193 -11.80 -3.57 26.66
N ASN A 194 -12.68 -4.55 26.48
CA ASN A 194 -13.61 -4.97 27.54
C ASN A 194 -13.78 -6.48 27.55
N ALA A 203 -9.61 1.48 35.58
CA ALA A 203 -9.76 0.48 34.54
C ALA A 203 -8.40 0.05 33.98
N PRO A 204 -8.28 -1.22 33.62
CA PRO A 204 -7.04 -1.69 32.97
C PRO A 204 -6.93 -1.21 31.52
N SER A 205 -5.73 -0.78 31.15
CA SER A 205 -5.44 -0.28 29.81
C SER A 205 -4.55 -1.32 29.14
N LEU A 206 -5.19 -2.22 28.38
CA LEU A 206 -4.50 -3.28 27.68
C LEU A 206 -4.10 -2.83 26.29
N LYS A 207 -2.89 -3.21 25.89
CA LYS A 207 -2.37 -2.91 24.55
C LYS A 207 -2.93 -3.97 23.60
N LYS A 208 -4.23 -3.85 23.34
CA LYS A 208 -5.00 -4.90 22.68
C LYS A 208 -6.16 -4.24 21.93
N CYS A 209 -6.81 -5.03 21.05
CA CYS A 209 -8.03 -4.56 20.42
C CYS A 209 -9.23 -5.23 21.06
N PRO A 210 -10.34 -4.51 21.21
CA PRO A 210 -11.52 -5.08 21.87
C PRO A 210 -12.25 -6.06 20.97
N GLY A 211 -13.16 -6.80 21.59
CA GLY A 211 -14.20 -7.56 20.92
C GLY A 211 -13.88 -8.19 19.58
N GLY A 212 -14.62 -7.80 18.54
CA GLY A 212 -14.45 -8.37 17.22
C GLY A 212 -13.64 -7.48 16.31
N PHE A 213 -12.66 -6.79 16.86
CA PHE A 213 -11.80 -5.91 16.09
C PHE A 213 -10.43 -6.54 15.87
N SER A 214 -9.77 -6.12 14.80
CA SER A 214 -8.48 -6.65 14.42
C SER A 214 -7.42 -5.56 14.50
N GLN A 215 -6.22 -5.98 14.87
CA GLN A 215 -5.14 -5.08 15.24
C GLN A 215 -4.20 -4.86 14.07
N HIS A 216 -3.88 -3.58 13.79
CA HIS A 216 -3.08 -3.20 12.64
C HIS A 216 -2.05 -2.18 13.03
N LEU A 217 -0.83 -2.33 12.51
CA LEU A 217 0.25 -1.42 12.87
C LEU A 217 0.08 -0.09 12.14
N ALA A 218 0.16 1.01 12.88
CA ALA A 218 0.07 2.34 12.30
C ALA A 218 1.46 2.85 11.93
N VAL A 219 2.36 2.89 12.91
CA VAL A 219 3.69 3.42 12.68
C VAL A 219 4.58 2.91 13.80
N ILE A 220 5.88 2.87 13.52
CA ILE A 220 6.90 2.74 14.56
C ILE A 220 7.58 4.09 14.66
N SER A 221 7.41 4.75 15.80
CA SER A 221 7.93 6.08 16.01
C SER A 221 9.09 5.97 16.99
N ASP A 222 10.30 6.18 16.48
CA ASP A 222 11.55 6.03 17.25
C ASP A 222 11.53 4.79 18.15
N GLY A 223 11.24 3.63 17.54
CA GLY A 223 11.25 2.38 18.27
C GLY A 223 10.01 2.11 19.12
N CYS A 224 9.01 2.98 19.08
CA CYS A 224 7.77 2.78 19.82
C CYS A 224 6.65 2.41 18.83
N GLN A 225 6.04 1.26 19.06
CA GLN A 225 4.96 0.75 18.23
C GLN A 225 3.68 1.54 18.47
N VAL A 226 2.96 1.92 17.39
CA VAL A 226 1.62 2.52 17.50
C VAL A 226 0.69 1.77 16.56
N SER A 227 -0.44 1.27 17.09
CA SER A 227 -1.41 0.47 16.35
C SER A 227 -2.82 1.01 16.52
N TYR A 228 -3.70 0.58 15.60
CA TYR A 228 -5.12 0.93 15.65
C TYR A 228 -5.96 -0.31 15.39
N CYS A 229 -7.23 -0.23 15.74
CA CYS A 229 -8.16 -1.35 15.67
C CYS A 229 -9.33 -1.00 14.77
N VAL A 230 -9.68 -1.93 13.88
CA VAL A 230 -10.86 -1.80 13.01
C VAL A 230 -11.56 -3.14 12.98
N LYS A 231 -12.75 -3.15 12.38
CA LYS A 231 -13.53 -4.38 12.30
C LYS A 231 -12.79 -5.44 11.47
N ALA A 232 -12.97 -6.70 11.85
CA ALA A 232 -12.29 -7.78 11.15
C ALA A 232 -12.63 -7.77 9.67
N GLY A 233 -11.59 -7.75 8.84
CA GLY A 233 -11.77 -7.55 7.41
C GLY A 233 -10.44 -7.29 6.74
N ILE A 234 -10.50 -7.21 5.41
CA ILE A 234 -9.30 -6.98 4.62
C ILE A 234 -9.17 -5.49 4.35
N THR B 29 19.85 2.10 -23.27
CA THR B 29 19.47 1.83 -21.89
C THR B 29 18.05 2.36 -21.62
N ASN B 30 17.36 2.77 -22.67
CA ASN B 30 15.97 3.22 -22.59
C ASN B 30 15.08 2.19 -23.27
N PHE B 31 14.12 1.67 -22.51
CA PHE B 31 13.30 0.54 -22.95
C PHE B 31 11.87 0.76 -22.48
N THR B 32 10.92 0.57 -23.37
CA THR B 32 9.52 0.80 -23.06
C THR B 32 8.81 -0.52 -22.79
N PHE B 33 7.97 -0.51 -21.75
CA PHE B 33 7.30 -1.68 -21.21
C PHE B 33 5.85 -1.64 -21.66
N GLY B 34 5.44 -2.63 -22.45
CA GLY B 34 4.10 -2.70 -22.98
C GLY B 34 3.10 -3.48 -22.15
N GLY B 35 3.41 -3.82 -20.91
CA GLY B 35 2.47 -4.55 -20.08
C GLY B 35 2.70 -6.06 -20.11
N VAL B 36 1.85 -6.78 -19.36
CA VAL B 36 1.80 -8.24 -19.38
C VAL B 36 0.34 -8.66 -19.51
N TYR B 37 0.12 -9.92 -19.89
CA TYR B 37 -1.20 -10.50 -19.74
C TYR B 37 -1.12 -12.01 -19.59
N GLN B 38 -2.23 -12.61 -19.18
CA GLN B 38 -2.23 -14.05 -18.97
C GLN B 38 -3.58 -14.60 -19.40
N GLU B 39 -3.59 -15.52 -20.35
CA GLU B 39 -4.81 -16.19 -20.75
C GLU B 39 -5.00 -17.45 -19.93
N CYS B 40 -6.22 -17.99 -19.95
CA CYS B 40 -6.52 -19.13 -19.12
C CYS B 40 -7.54 -19.98 -19.84
N THR B 41 -7.43 -21.30 -19.71
CA THR B 41 -8.44 -22.21 -20.23
C THR B 41 -8.79 -23.22 -19.16
N GLU B 42 -10.08 -23.39 -18.90
CA GLU B 42 -10.52 -24.38 -17.92
C GLU B 42 -10.40 -25.78 -18.51
N LEU B 43 -9.81 -26.69 -17.72
CA LEU B 43 -9.62 -28.09 -18.08
C LEU B 43 -10.52 -29.05 -17.32
N SER B 44 -10.68 -28.89 -15.99
CA SER B 44 -11.69 -29.63 -15.23
C SER B 44 -12.23 -28.67 -14.19
N GLY B 45 -13.57 -28.68 -14.02
CA GLY B 45 -14.25 -27.67 -13.23
C GLY B 45 -14.27 -26.37 -14.00
N ASP B 46 -14.73 -25.32 -13.33
CA ASP B 46 -14.71 -24.00 -13.97
C ASP B 46 -14.51 -22.90 -12.94
N VAL B 47 -13.63 -23.16 -11.96
CA VAL B 47 -13.49 -22.32 -10.78
C VAL B 47 -12.17 -21.53 -10.78
N LEU B 48 -11.27 -21.77 -11.72
CA LEU B 48 -9.92 -21.22 -11.59
C LEU B 48 -9.65 -19.99 -12.45
N CYS B 49 -10.17 -19.89 -13.68
CA CYS B 49 -9.69 -18.83 -14.54
C CYS B 49 -10.02 -17.45 -14.00
N GLN B 50 -11.01 -17.35 -13.10
CA GLN B 50 -11.32 -16.09 -12.44
C GLN B 50 -10.09 -15.47 -11.79
N ASN B 51 -9.24 -16.28 -11.19
CA ASN B 51 -8.04 -15.78 -10.51
C ASN B 51 -6.78 -15.88 -11.36
N LEU B 52 -6.83 -16.55 -12.49
CA LEU B 52 -5.64 -16.70 -13.34
C LEU B 52 -5.61 -15.76 -14.54
N GLU B 53 -6.75 -15.31 -15.06
CA GLU B 53 -6.61 -14.53 -16.28
C GLU B 53 -6.31 -13.08 -15.95
N GLN B 54 -5.54 -12.44 -16.81
CA GLN B 54 -5.16 -11.05 -16.56
C GLN B 54 -5.14 -10.32 -17.90
N LYS B 55 -6.03 -9.33 -18.07
CA LYS B 55 -5.98 -8.54 -19.28
C LYS B 55 -4.87 -7.50 -19.18
N ASN B 56 -4.41 -7.03 -20.35
CA ASN B 56 -3.41 -5.97 -20.41
C ASN B 56 -4.10 -4.63 -20.15
N LEU B 57 -3.62 -3.93 -19.11
CA LEU B 57 -3.99 -2.55 -18.82
C LEU B 57 -4.05 -1.68 -20.07
N LEU B 58 -3.03 -1.78 -20.93
CA LEU B 58 -2.92 -0.83 -22.05
C LEU B 58 -3.90 -1.10 -23.18
N THR B 59 -4.48 -2.30 -23.25
CA THR B 59 -5.39 -2.64 -24.34
C THR B 59 -6.78 -3.07 -23.87
N GLY B 60 -6.96 -3.37 -22.58
CA GLY B 60 -8.22 -3.92 -22.15
C GLY B 60 -8.48 -5.34 -22.59
N ASP B 61 -7.47 -6.03 -23.11
CA ASP B 61 -7.69 -7.34 -23.70
C ASP B 61 -6.45 -8.18 -23.43
N PHE B 62 -6.47 -9.40 -23.94
CA PHE B 62 -5.29 -10.27 -23.89
C PHE B 62 -4.46 -10.01 -25.15
N SER B 63 -3.69 -8.93 -25.11
CA SER B 63 -3.00 -8.50 -26.32
C SER B 63 -1.99 -7.43 -25.95
N CYS B 64 -1.20 -7.02 -26.94
CA CYS B 64 -0.24 -5.96 -26.74
C CYS B 64 -0.68 -4.71 -27.50
N PRO B 65 -0.27 -3.52 -27.06
CA PRO B 65 -0.58 -2.31 -27.84
C PRO B 65 0.02 -2.40 -29.23
N PRO B 66 -0.46 -1.59 -30.17
CA PRO B 66 0.07 -1.63 -31.54
C PRO B 66 1.57 -1.36 -31.57
N GLY B 67 2.28 -2.11 -32.41
CA GLY B 67 3.71 -1.93 -32.50
C GLY B 67 4.49 -2.68 -31.45
N TYR B 68 3.82 -3.49 -30.65
CA TYR B 68 4.48 -4.34 -29.67
C TYR B 68 4.21 -5.80 -30.02
N SER B 69 5.08 -6.68 -29.50
CA SER B 69 5.06 -8.09 -29.78
C SER B 69 4.84 -8.88 -28.50
N PRO B 70 3.92 -9.85 -28.52
CA PRO B 70 3.76 -10.72 -27.35
C PRO B 70 4.99 -11.63 -27.20
N VAL B 71 5.52 -11.71 -25.99
CA VAL B 71 6.62 -12.62 -25.70
C VAL B 71 6.10 -13.67 -24.72
N HIS B 72 5.96 -14.91 -25.20
CA HIS B 72 5.41 -16.02 -24.42
C HIS B 72 6.39 -16.46 -23.34
N LEU B 73 6.08 -16.19 -22.07
CA LEU B 73 6.99 -16.58 -21.01
C LEU B 73 6.77 -18.01 -20.60
N LEU B 74 5.52 -18.45 -20.56
CA LEU B 74 5.33 -19.80 -20.03
C LEU B 74 3.88 -20.24 -20.21
N SER B 75 3.65 -21.55 -20.35
CA SER B 75 2.29 -22.10 -20.33
C SER B 75 2.31 -23.31 -19.43
N GLN B 76 1.47 -23.34 -18.39
CA GLN B 76 1.45 -24.46 -17.45
C GLN B 76 0.02 -24.66 -16.95
N THR B 77 -0.20 -25.77 -16.24
CA THR B 77 -1.50 -26.07 -15.67
C THR B 77 -1.46 -25.94 -14.15
N HIS B 78 -2.50 -25.33 -13.61
CA HIS B 78 -2.70 -25.14 -12.18
C HIS B 78 -3.78 -26.13 -11.73
N GLU B 79 -3.47 -26.91 -10.70
CA GLU B 79 -4.40 -27.85 -10.09
C GLU B 79 -4.65 -27.51 -8.63
N GLU B 80 -5.88 -27.76 -8.20
CA GLU B 80 -6.33 -27.37 -6.86
C GLU B 80 -7.49 -28.28 -6.45
N GLY B 81 -7.45 -28.78 -5.22
CA GLY B 81 -8.60 -29.52 -4.70
C GLY B 81 -9.64 -28.54 -4.17
N TYR B 82 -10.92 -28.85 -4.44
CA TYR B 82 -12.01 -27.99 -3.99
C TYR B 82 -13.25 -28.83 -3.73
N SER B 83 -14.19 -28.26 -2.98
CA SER B 83 -15.45 -28.94 -2.66
C SER B 83 -16.54 -28.41 -3.59
N ARG B 84 -17.18 -29.31 -4.32
CA ARG B 84 -18.25 -28.97 -5.24
C ARG B 84 -19.56 -29.54 -4.71
N LEU B 85 -20.63 -28.75 -4.81
CA LEU B 85 -21.94 -29.23 -4.37
C LEU B 85 -22.55 -30.07 -5.48
N GLU B 86 -22.93 -31.31 -5.15
CA GLU B 86 -23.46 -32.24 -6.13
C GLU B 86 -24.67 -32.97 -5.56
N CYS B 87 -25.58 -33.35 -6.45
CA CYS B 87 -26.79 -34.06 -6.08
C CYS B 87 -26.83 -35.38 -6.84
N LYS B 88 -27.24 -36.43 -6.15
CA LYS B 88 -27.20 -37.77 -6.72
C LYS B 88 -28.44 -38.52 -6.25
N LYS B 89 -29.04 -39.30 -7.15
CA LYS B 89 -30.26 -40.03 -6.88
C LYS B 89 -29.97 -41.51 -6.64
N LYS B 90 -30.51 -42.02 -5.54
CA LYS B 90 -30.47 -43.43 -5.19
C LYS B 90 -31.87 -43.99 -5.41
N CYS B 91 -31.97 -45.11 -6.11
CA CYS B 91 -33.27 -45.59 -6.53
C CYS B 91 -33.54 -47.00 -6.02
N THR B 92 -34.82 -47.28 -5.82
CA THR B 92 -35.36 -48.61 -5.57
C THR B 92 -35.90 -49.09 -6.91
N LEU B 93 -35.28 -50.16 -7.43
CA LEU B 93 -35.64 -50.75 -8.73
C LEU B 93 -35.75 -49.71 -9.83
N LYS B 94 -34.89 -48.70 -9.79
CA LYS B 94 -34.75 -47.67 -10.82
C LYS B 94 -36.00 -46.80 -10.94
N ILE B 95 -37.00 -46.99 -10.09
CA ILE B 95 -38.29 -46.32 -10.28
C ILE B 95 -38.73 -45.54 -9.05
N PHE B 96 -38.23 -45.83 -7.84
CA PHE B 96 -38.51 -44.99 -6.67
C PHE B 96 -37.20 -44.35 -6.23
N CYS B 97 -37.05 -43.06 -6.46
CA CYS B 97 -35.75 -42.43 -6.30
C CYS B 97 -35.77 -41.33 -5.25
N LYS B 98 -34.63 -41.15 -4.58
CA LYS B 98 -34.39 -40.09 -3.63
C LYS B 98 -33.10 -39.39 -4.01
N THR B 99 -33.10 -38.06 -3.96
CA THR B 99 -31.88 -37.32 -4.22
C THR B 99 -31.31 -36.84 -2.90
N VAL B 100 -30.00 -36.91 -2.78
CA VAL B 100 -29.27 -36.27 -1.69
C VAL B 100 -28.19 -35.39 -2.32
N CYS B 101 -27.93 -34.23 -1.71
CA CYS B 101 -26.93 -33.29 -2.18
C CYS B 101 -25.86 -33.13 -1.11
N GLU B 102 -24.61 -33.29 -1.50
CA GLU B 102 -23.46 -33.21 -0.60
C GLU B 102 -22.31 -32.48 -1.29
N ASP B 103 -21.41 -31.97 -0.48
CA ASP B 103 -20.12 -31.49 -0.97
C ASP B 103 -19.23 -32.70 -1.26
N VAL B 104 -18.67 -32.70 -2.46
CA VAL B 104 -17.83 -33.77 -2.95
C VAL B 104 -16.48 -33.17 -3.34
N PHE B 105 -15.42 -33.85 -2.93
CA PHE B 105 -14.07 -33.38 -3.20
C PHE B 105 -13.70 -33.65 -4.65
N ARG B 106 -13.27 -32.60 -5.34
CA ARG B 106 -12.95 -32.70 -6.75
C ARG B 106 -11.66 -31.93 -6.98
N VAL B 107 -11.07 -32.16 -8.15
CA VAL B 107 -9.87 -31.46 -8.56
C VAL B 107 -10.21 -30.52 -9.70
N ALA B 108 -9.87 -29.25 -9.53
CA ALA B 108 -10.00 -28.23 -10.57
C ALA B 108 -8.64 -28.05 -11.24
N LYS B 109 -8.66 -27.92 -12.56
CA LYS B 109 -7.43 -27.72 -13.32
C LYS B 109 -7.69 -26.70 -14.43
N ALA B 110 -6.67 -25.91 -14.72
CA ALA B 110 -6.75 -24.89 -15.77
C ALA B 110 -5.34 -24.62 -16.29
N GLU B 111 -5.24 -24.35 -17.59
CA GLU B 111 -3.97 -23.93 -18.19
C GLU B 111 -3.91 -22.40 -18.21
N PHE B 112 -2.78 -21.86 -17.78
CA PHE B 112 -2.51 -20.43 -17.93
C PHE B 112 -1.32 -20.26 -18.88
N ARG B 113 -1.38 -19.15 -19.62
CA ARG B 113 -0.40 -18.79 -20.65
C ARG B 113 0.03 -17.36 -20.40
N ALA B 114 1.29 -17.17 -20.03
CA ALA B 114 1.80 -15.89 -19.55
C ALA B 114 2.62 -15.20 -20.65
N TYR B 115 2.35 -13.88 -20.84
CA TYR B 115 2.99 -13.06 -21.86
C TYR B 115 3.43 -11.72 -21.29
N TRP B 116 4.51 -11.20 -21.83
CA TRP B 116 4.74 -9.76 -21.72
C TRP B 116 4.90 -9.16 -23.10
N CYS B 117 4.84 -7.84 -23.17
CA CYS B 117 4.75 -7.10 -24.42
C CYS B 117 6.00 -6.24 -24.61
N VAL B 118 6.66 -6.40 -25.76
CA VAL B 118 7.90 -5.68 -26.01
C VAL B 118 7.82 -4.87 -27.30
N ALA B 119 8.47 -3.71 -27.32
CA ALA B 119 8.44 -2.84 -28.49
C ALA B 119 9.17 -3.54 -29.62
N ALA B 120 8.47 -3.76 -30.74
CA ALA B 120 9.10 -4.45 -31.85
C ALA B 120 10.21 -3.61 -32.49
N GLY B 121 9.98 -2.31 -32.64
CA GLY B 121 10.99 -1.42 -33.19
C GLY B 121 11.07 -0.15 -32.38
N GLN B 122 12.03 0.70 -32.73
CA GLN B 122 12.18 1.98 -32.04
C GLN B 122 11.03 2.91 -32.41
N VAL B 123 9.84 2.55 -31.96
CA VAL B 123 8.63 3.37 -32.05
C VAL B 123 8.20 3.97 -30.71
N PRO B 124 8.89 3.74 -29.58
CA PRO B 124 8.36 4.29 -28.32
C PRO B 124 8.21 5.80 -28.32
N ASP B 125 7.09 6.22 -27.76
CA ASP B 125 6.69 7.61 -27.59
C ASP B 125 6.49 7.75 -26.08
N ASN B 126 5.41 8.39 -25.63
CA ASN B 126 5.16 8.34 -24.19
C ASN B 126 4.24 7.19 -23.81
N SER B 127 3.81 6.40 -24.79
CA SER B 127 3.01 5.22 -24.50
C SER B 127 3.88 4.17 -23.81
N GLY B 128 3.41 3.65 -22.70
CA GLY B 128 4.13 2.64 -21.97
C GLY B 128 3.71 2.64 -20.52
N LEU B 129 4.17 1.62 -19.80
CA LEU B 129 3.82 1.46 -18.40
C LEU B 129 5.06 1.72 -17.55
N LEU B 130 4.86 2.32 -16.37
CA LEU B 130 5.94 2.38 -15.38
C LEU B 130 5.99 1.08 -14.61
N PHE B 131 7.20 0.66 -14.25
CA PHE B 131 7.43 -0.61 -13.57
C PHE B 131 7.80 -0.34 -12.12
N GLY B 132 7.09 -0.99 -11.21
CA GLY B 132 7.29 -0.73 -9.80
C GLY B 132 7.66 -1.95 -8.98
N GLY B 133 8.18 -2.98 -9.65
CA GLY B 133 8.61 -4.19 -8.97
C GLY B 133 7.60 -5.31 -9.05
N VAL B 134 8.00 -6.45 -8.45
CA VAL B 134 7.19 -7.67 -8.42
C VAL B 134 7.30 -8.30 -7.05
N PHE B 135 6.29 -9.10 -6.71
CA PHE B 135 6.30 -9.87 -5.47
C PHE B 135 5.30 -11.00 -5.63
N THR B 136 5.39 -11.98 -4.73
CA THR B 136 4.47 -13.12 -4.72
C THR B 136 3.76 -13.22 -3.37
N ASP B 137 2.97 -14.28 -3.24
CA ASP B 137 2.35 -14.57 -1.95
C ASP B 137 3.39 -14.84 -0.88
N LYS B 138 4.54 -15.39 -1.27
CA LYS B 138 5.55 -15.78 -0.30
C LYS B 138 6.84 -14.97 -0.36
N THR B 139 6.97 -14.03 -1.29
CA THR B 139 8.16 -13.21 -1.37
C THR B 139 7.80 -11.74 -1.13
N ILE B 140 8.82 -10.89 -1.21
CA ILE B 140 8.68 -9.48 -0.89
C ILE B 140 9.19 -8.68 -2.08
N ASN B 141 8.65 -7.47 -2.24
CA ASN B 141 8.99 -6.62 -3.38
C ASN B 141 10.11 -5.68 -2.98
N PRO B 142 11.30 -5.78 -3.61
CA PRO B 142 12.44 -4.98 -3.13
C PRO B 142 12.23 -3.48 -3.26
N MET B 143 11.31 -3.06 -4.13
CA MET B 143 11.09 -1.64 -4.38
C MET B 143 10.39 -0.97 -3.23
N THR B 144 9.48 -1.69 -2.56
CA THR B 144 8.74 -1.20 -1.41
C THR B 144 9.10 -1.90 -0.10
N ASN B 145 9.79 -3.04 -0.14
CA ASN B 145 10.08 -3.85 1.04
C ASN B 145 8.79 -4.33 1.70
N ALA B 146 7.73 -4.42 0.92
CA ALA B 146 6.45 -4.88 1.40
C ALA B 146 5.76 -5.66 0.29
N GLN B 147 4.86 -6.54 0.70
CA GLN B 147 4.05 -7.30 -0.25
C GLN B 147 2.99 -6.38 -0.86
N SER B 148 3.44 -5.30 -1.49
CA SER B 148 2.55 -4.31 -2.05
C SER B 148 3.25 -3.62 -3.21
N CYS B 149 2.50 -2.78 -3.92
CA CYS B 149 3.05 -1.93 -4.95
C CYS B 149 3.20 -0.50 -4.43
N PRO B 150 4.04 0.32 -5.06
CA PRO B 150 4.13 1.73 -4.66
C PRO B 150 2.79 2.44 -4.78
N ALA B 151 2.70 3.60 -4.15
CA ALA B 151 1.47 4.37 -4.14
C ALA B 151 1.00 4.68 -5.56
N GLY B 152 -0.25 4.33 -5.84
CA GLY B 152 -0.84 4.58 -7.15
C GLY B 152 -0.57 3.52 -8.18
N TYR B 153 -0.02 2.37 -7.78
CA TYR B 153 0.32 1.30 -8.70
C TYR B 153 -0.67 0.15 -8.59
N ILE B 154 -0.81 -0.56 -9.69
CA ILE B 154 -1.76 -1.66 -9.85
C ILE B 154 -0.98 -2.96 -9.90
N PRO B 155 -1.35 -3.97 -9.13
CA PRO B 155 -0.72 -5.29 -9.28
C PRO B 155 -1.42 -6.12 -10.33
N LEU B 156 -0.69 -6.59 -11.34
CA LEU B 156 -1.24 -7.47 -12.35
C LEU B 156 -0.84 -8.91 -12.05
N ASN B 157 -1.78 -9.83 -12.20
CA ASN B 157 -1.51 -11.23 -11.88
C ASN B 157 -0.75 -11.88 -13.02
N LEU B 158 0.30 -12.63 -12.69
CA LEU B 158 1.02 -13.44 -13.67
C LEU B 158 1.38 -14.77 -12.99
N PHE B 159 1.39 -15.84 -13.78
CA PHE B 159 1.62 -17.22 -13.31
C PHE B 159 0.60 -17.50 -12.20
N GLU B 160 0.94 -18.39 -11.27
CA GLU B 160 -0.02 -18.78 -10.25
C GLU B 160 -0.11 -17.76 -9.12
N SER B 161 1.00 -17.06 -8.81
CA SER B 161 0.99 -16.17 -7.66
C SER B 161 1.81 -14.90 -7.80
N LEU B 162 2.38 -14.61 -8.97
CA LEU B 162 3.19 -13.41 -9.11
C LEU B 162 2.29 -12.19 -9.32
N LYS B 163 2.70 -11.06 -8.75
CA LYS B 163 2.05 -9.78 -9.00
C LYS B 163 3.09 -8.80 -9.55
N VAL B 164 2.74 -8.14 -10.66
CA VAL B 164 3.62 -7.19 -11.35
C VAL B 164 3.04 -5.79 -11.20
N CYS B 165 3.81 -4.89 -10.59
CA CYS B 165 3.35 -3.57 -10.24
C CYS B 165 3.54 -2.59 -11.40
N VAL B 166 2.47 -1.90 -11.78
CA VAL B 166 2.46 -1.06 -12.97
C VAL B 166 1.72 0.24 -12.66
N SER B 167 2.08 1.30 -13.36
CA SER B 167 1.31 2.51 -13.23
C SER B 167 1.26 3.23 -14.57
N LEU B 168 0.23 4.04 -14.70
CA LEU B 168 -0.03 4.81 -15.90
C LEU B 168 0.27 6.28 -15.71
N ASP B 169 0.39 6.73 -14.47
CA ASP B 169 0.54 8.14 -14.16
C ASP B 169 2.01 8.42 -13.90
N TYR B 170 2.63 9.19 -14.81
CA TYR B 170 4.04 9.53 -14.70
C TYR B 170 4.32 10.48 -13.54
N GLU B 171 3.38 11.39 -13.25
CA GLU B 171 3.68 12.46 -12.31
C GLU B 171 3.83 11.97 -10.87
N LEU B 172 3.07 10.96 -10.45
CA LEU B 172 3.28 10.38 -9.13
C LEU B 172 3.95 9.02 -9.18
N GLY B 173 3.84 8.31 -10.30
CA GLY B 173 4.44 7.00 -10.39
C GLY B 173 5.92 7.09 -10.66
N PHE B 174 6.33 8.03 -11.51
CA PHE B 174 7.72 8.06 -11.94
C PHE B 174 8.64 8.22 -10.73
N LYS B 175 8.20 8.97 -9.73
CA LYS B 175 8.91 9.03 -8.45
C LYS B 175 9.20 7.64 -7.92
N PHE B 176 8.27 6.70 -8.11
CA PHE B 176 8.39 5.36 -7.53
C PHE B 176 8.69 4.29 -8.56
N SER B 177 9.18 4.68 -9.73
CA SER B 177 9.43 3.75 -10.83
C SER B 177 10.92 3.51 -10.99
N VAL B 178 11.28 2.28 -11.37
CA VAL B 178 12.67 1.94 -11.68
C VAL B 178 12.73 1.52 -13.14
N PRO B 179 13.83 1.80 -13.83
CA PRO B 179 13.94 1.36 -15.23
C PRO B 179 13.77 -0.15 -15.35
N PHE B 180 13.04 -0.55 -16.40
CA PHE B 180 12.70 -1.94 -16.63
C PHE B 180 13.43 -2.44 -17.86
N GLY B 181 14.08 -3.59 -17.74
CA GLY B 181 14.91 -4.15 -18.79
C GLY B 181 14.43 -5.46 -19.38
N GLY B 182 13.27 -5.96 -18.99
CA GLY B 182 12.66 -7.11 -19.62
C GLY B 182 12.54 -8.31 -18.68
N PHE B 183 11.79 -9.30 -19.17
CA PHE B 183 11.66 -10.61 -18.56
C PHE B 183 12.39 -11.67 -19.38
N PHE B 184 12.70 -12.78 -18.72
CA PHE B 184 13.07 -13.98 -19.46
C PHE B 184 12.74 -15.21 -18.61
N SER B 185 12.60 -16.36 -19.28
CA SER B 185 12.18 -17.58 -18.60
C SER B 185 13.01 -18.75 -19.09
N CYS B 186 12.78 -19.94 -18.51
CA CYS B 186 13.55 -21.11 -18.88
C CYS B 186 13.32 -21.50 -20.35
N ILE B 187 12.27 -20.99 -20.99
CA ILE B 187 11.97 -21.33 -22.38
C ILE B 187 11.99 -20.12 -23.33
N MET B 188 12.32 -18.93 -22.87
CA MET B 188 12.19 -17.76 -23.73
C MET B 188 13.21 -16.72 -23.30
N GLY B 189 14.02 -16.24 -24.27
CA GLY B 189 15.04 -15.24 -23.99
C GLY B 189 14.45 -13.83 -23.96
N ASN B 190 15.33 -12.85 -23.64
CA ASN B 190 14.92 -11.47 -23.45
C ASN B 190 15.27 -10.68 -24.71
N PRO B 191 14.29 -10.27 -25.53
CA PRO B 191 14.61 -9.54 -26.78
C PRO B 191 15.19 -8.16 -26.58
N LEU B 192 15.19 -7.62 -25.37
CA LEU B 192 15.79 -6.31 -25.16
C LEU B 192 17.31 -6.35 -25.09
N VAL B 193 17.92 -7.52 -24.98
CA VAL B 193 19.38 -7.63 -24.90
C VAL B 193 20.07 -7.31 -26.23
N PRO B 204 17.91 -12.12 -31.98
CA PRO B 204 18.45 -13.07 -31.00
C PRO B 204 17.75 -12.98 -29.65
N SER B 205 17.40 -14.11 -29.05
CA SER B 205 16.68 -14.16 -27.77
C SER B 205 17.59 -14.78 -26.70
N LEU B 206 18.37 -13.92 -26.02
CA LEU B 206 19.26 -14.37 -24.96
C LEU B 206 18.60 -14.27 -23.60
N LYS B 207 18.82 -15.29 -22.77
CA LYS B 207 18.26 -15.35 -21.41
C LYS B 207 19.16 -14.58 -20.44
N LYS B 208 19.13 -13.26 -20.62
CA LYS B 208 20.03 -12.33 -19.94
C LYS B 208 19.35 -10.97 -19.82
N CYS B 209 19.96 -10.09 -19.04
CA CYS B 209 19.59 -8.70 -18.89
C CYS B 209 20.50 -7.82 -19.73
N PRO B 210 19.96 -6.80 -20.38
CA PRO B 210 20.78 -5.98 -21.27
C PRO B 210 21.71 -5.08 -20.48
N GLY B 211 22.64 -4.46 -21.21
CA GLY B 211 23.39 -3.30 -20.76
C GLY B 211 23.74 -3.20 -19.29
N GLY B 212 23.25 -2.16 -18.64
CA GLY B 212 23.52 -1.90 -17.24
C GLY B 212 22.39 -2.33 -16.34
N PHE B 213 21.72 -3.42 -16.69
CA PHE B 213 20.62 -3.93 -15.89
C PHE B 213 21.07 -5.14 -15.07
N SER B 214 20.38 -5.36 -13.96
CA SER B 214 20.70 -6.45 -13.06
C SER B 214 19.56 -7.47 -13.04
N GLN B 215 19.93 -8.73 -12.89
CA GLN B 215 19.04 -9.86 -13.05
C GLN B 215 18.54 -10.34 -11.70
N HIS B 216 17.24 -10.54 -11.60
CA HIS B 216 16.59 -10.93 -10.35
C HIS B 216 15.58 -12.01 -10.66
N LEU B 217 15.54 -13.02 -9.81
CA LEU B 217 14.63 -14.14 -10.00
C LEU B 217 13.22 -13.73 -9.55
N ALA B 218 12.23 -13.96 -10.42
CA ALA B 218 10.85 -13.65 -10.03
C ALA B 218 10.21 -14.85 -9.36
N VAL B 219 10.21 -16.00 -10.03
CA VAL B 219 9.59 -17.19 -9.48
C VAL B 219 10.18 -18.38 -10.21
N ILE B 220 10.14 -19.55 -9.57
CA ILE B 220 10.33 -20.82 -10.23
C ILE B 220 8.96 -21.48 -10.28
N SER B 221 8.41 -21.59 -11.48
CA SER B 221 7.08 -22.09 -11.73
C SER B 221 7.19 -23.50 -12.31
N ASP B 222 6.82 -24.50 -11.51
CA ASP B 222 6.96 -25.92 -11.85
C ASP B 222 8.33 -26.24 -12.43
N GLY B 223 9.38 -25.84 -11.72
CA GLY B 223 10.74 -26.10 -12.17
C GLY B 223 11.23 -25.17 -13.28
N CYS B 224 10.44 -24.17 -13.69
CA CYS B 224 10.86 -23.26 -14.73
C CYS B 224 11.20 -21.91 -14.13
N GLN B 225 12.42 -21.48 -14.34
CA GLN B 225 12.90 -20.22 -13.82
C GLN B 225 12.29 -19.06 -14.63
N VAL B 226 11.82 -18.02 -13.92
CA VAL B 226 11.39 -16.74 -14.52
C VAL B 226 12.07 -15.60 -13.77
N SER B 227 12.77 -14.73 -14.52
CA SER B 227 13.55 -13.60 -14.00
C SER B 227 13.16 -12.29 -14.70
N TYR B 228 13.53 -11.17 -14.07
CA TYR B 228 13.31 -9.82 -14.60
C TYR B 228 14.56 -8.96 -14.44
N CYS B 229 14.59 -7.85 -15.18
CA CYS B 229 15.78 -6.98 -15.19
C CYS B 229 15.44 -5.55 -14.79
N VAL B 230 16.27 -5.00 -13.89
CA VAL B 230 16.16 -3.61 -13.45
C VAL B 230 17.57 -3.03 -13.43
N LYS B 231 17.65 -1.71 -13.21
CA LYS B 231 18.95 -1.06 -13.22
C LYS B 231 19.84 -1.63 -12.11
N ALA B 232 21.14 -1.64 -12.37
CA ALA B 232 22.11 -2.25 -11.46
C ALA B 232 22.03 -1.66 -10.06
N GLY B 233 21.86 -2.54 -9.07
CA GLY B 233 21.63 -2.17 -7.69
C GLY B 233 20.17 -2.37 -7.29
N ILE B 234 19.92 -2.26 -5.99
CA ILE B 234 18.58 -2.42 -5.47
C ILE B 234 17.92 -1.07 -5.22
C1 GOL C . 1.60 23.59 23.57
O1 GOL C . 2.86 23.75 23.00
C2 GOL C . 0.53 24.19 22.62
O2 GOL C . -0.63 24.49 23.35
C3 GOL C . 0.23 23.07 21.56
O3 GOL C . 0.86 23.33 20.37
C1 GOL D . -7.64 22.47 11.41
O1 GOL D . -6.67 23.30 11.99
C2 GOL D . -6.97 21.11 11.00
O2 GOL D . -6.20 21.21 9.86
C3 GOL D . -8.14 20.11 10.85
O3 GOL D . -8.78 20.05 12.09
CL CL E . 9.04 6.79 23.86
C1 GOL F . -9.05 -16.75 -22.19
O1 GOL F . -8.18 -16.08 -21.33
C2 GOL F . -8.33 -16.91 -23.53
O2 GOL F . -8.40 -15.74 -24.29
C3 GOL F . -9.00 -18.15 -24.21
O3 GOL F . -8.76 -19.27 -23.41
#